data_3HSU
#
_entry.id   3HSU
#
_cell.length_a   58.483
_cell.length_b   97.570
_cell.length_c   98.200
_cell.angle_alpha   90.00
_cell.angle_beta   90.00
_cell.angle_gamma   90.00
#
_symmetry.space_group_name_H-M   'P 21 21 21'
#
loop_
_entity.id
_entity.type
_entity.pdbx_description
1 polymer 'Glucooligosaccharide oxidase'
2 branched 2-acetamido-2-deoxy-beta-D-glucopyranose-(1-4)-2-acetamido-2-deoxy-beta-D-glucopyranose-(1-4)-2-acetamido-2-deoxy-beta-D-glucopyranose
3 non-polymer 2-acetamido-2-deoxy-beta-D-glucopyranose
4 non-polymer 'FLAVIN-ADENINE DINUCLEOTIDE'
5 non-polymer 'ZINC ION'
6 water water
#
_entity_poly.entity_id   1
_entity_poly.type   'polypeptide(L)'
_entity_poly.pdbx_seq_one_letter_code
;EAEAEFNSINACLAAADVEFHEEDSEGWDMDGTAFNLRVDYDPAAIAIPRSTEDIAAAVQCGLDAGVQISAKGGGHSYGS
YGFGGEDGHLMLELDRMYRVSVDDNNVATIQGGARLGYTALELLDQGNRALSHGTAPAVGVGGHVLGGGYGFATHTHGLT
LDWLIGATVVLADASIVHVSETENADLFWALRGGGGGFAIVSEFEFNTFEAPEIITTYQVTTTWNRKQHVAGLKALQDWA
QNTMPRELSMRLEINANALNWEGNFFGNAKDLKKILQPIMKKAGGKSTISKLVETDWYGQINTYLYGADLNITYNYDVHE
YFYANSLTAPRLSDEAIQAFVDYKFDNSSVRPGRGWWIQWDFHGGKNSALAAVSNDETAYAHRDQLWLWQFYDSIYDYEN
NTSPYPESGFEFMQGFVATIEDTLPEDRKGKYFNYADTTLTKEEAQKLYWRGNLEKLQAIKAKYDPEDVFGNVVSVEPIA
YLEQKLISEEDLNSAVDHHHHHH
;
_entity_poly.pdbx_strand_id   A
#
loop_
_chem_comp.id
_chem_comp.type
_chem_comp.name
_chem_comp.formula
FAD non-polymer 'FLAVIN-ADENINE DINUCLEOTIDE' 'C27 H33 N9 O15 P2'
NAG D-saccharide, beta linking 2-acetamido-2-deoxy-beta-D-glucopyranose 'C8 H15 N O6'
ZN non-polymer 'ZINC ION' 'Zn 2'
#
# COMPACT_ATOMS: atom_id res chain seq x y z
N ASN A 7 -13.38 -4.55 -31.99
CA ASN A 7 -13.05 -3.55 -30.93
C ASN A 7 -12.32 -2.35 -31.53
N SER A 8 -12.88 -1.16 -31.33
CA SER A 8 -12.29 0.07 -31.85
C SER A 8 -10.93 0.32 -31.21
N ILE A 9 -10.85 0.12 -29.90
CA ILE A 9 -9.59 0.32 -29.18
C ILE A 9 -8.56 -0.74 -29.59
N ASN A 10 -8.98 -1.98 -29.69
CA ASN A 10 -8.07 -3.05 -30.09
C ASN A 10 -7.50 -2.78 -31.47
N ALA A 11 -8.33 -2.25 -32.36
CA ALA A 11 -7.88 -1.94 -33.71
C ALA A 11 -6.78 -0.88 -33.63
N CYS A 12 -6.99 0.12 -32.78
CA CYS A 12 -6.02 1.20 -32.61
C CYS A 12 -4.71 0.67 -32.02
N LEU A 13 -4.83 -0.23 -31.04
CA LEU A 13 -3.64 -0.81 -30.41
C LEU A 13 -2.87 -1.63 -31.44
N ALA A 14 -3.58 -2.42 -32.23
CA ALA A 14 -2.94 -3.25 -33.25
C ALA A 14 -2.18 -2.37 -34.25
N ALA A 15 -2.80 -1.25 -34.64
CA ALA A 15 -2.18 -0.32 -35.58
C ALA A 15 -0.91 0.30 -34.99
N ALA A 16 -0.84 0.37 -33.66
CA ALA A 16 0.32 0.94 -32.99
C ALA A 16 1.31 -0.17 -32.60
N ASP A 17 0.98 -1.40 -32.98
CA ASP A 17 1.83 -2.55 -32.69
C ASP A 17 1.90 -2.82 -31.19
N VAL A 18 0.82 -2.53 -30.48
CA VAL A 18 0.77 -2.77 -29.04
C VAL A 18 -0.07 -4.02 -28.79
N GLU A 19 0.48 -4.96 -28.03
CA GLU A 19 -0.23 -6.20 -27.73
C GLU A 19 -1.47 -5.91 -26.89
N PHE A 20 -2.52 -6.70 -27.10
CA PHE A 20 -3.74 -6.54 -26.33
C PHE A 20 -4.42 -7.89 -26.19
N HIS A 21 -5.32 -8.00 -25.22
CA HIS A 21 -6.05 -9.25 -24.99
C HIS A 21 -7.43 -9.21 -25.64
N GLU A 22 -7.79 -10.30 -26.29
CA GLU A 22 -9.12 -10.42 -26.90
C GLU A 22 -9.99 -10.71 -25.69
N GLU A 23 -11.19 -10.15 -25.63
CA GLU A 23 -12.03 -10.37 -24.47
C GLU A 23 -12.34 -11.83 -24.13
N ASP A 24 -12.52 -12.69 -25.13
CA ASP A 24 -12.81 -14.09 -24.84
C ASP A 24 -11.54 -14.94 -24.83
N SER A 25 -10.48 -14.45 -24.17
CA SER A 25 -9.22 -15.19 -24.14
C SER A 25 -8.74 -15.51 -22.72
N GLU A 26 -7.83 -16.47 -22.64
CA GLU A 26 -7.26 -16.87 -21.37
C GLU A 26 -6.47 -15.71 -20.80
N GLY A 27 -5.84 -14.95 -21.69
CA GLY A 27 -5.07 -13.79 -21.25
C GLY A 27 -5.97 -12.79 -20.57
N TRP A 28 -7.14 -12.57 -21.14
CA TRP A 28 -8.11 -11.64 -20.58
C TRP A 28 -8.62 -12.17 -19.24
N ASP A 29 -8.96 -13.44 -19.19
CA ASP A 29 -9.46 -14.05 -17.96
C ASP A 29 -8.46 -13.94 -16.81
N MET A 30 -7.17 -13.87 -17.14
CA MET A 30 -6.15 -13.76 -16.10
C MET A 30 -5.92 -12.31 -15.68
N ASP A 31 -5.53 -11.48 -16.63
CA ASP A 31 -5.25 -10.07 -16.34
C ASP A 31 -6.49 -9.21 -16.18
N GLY A 32 -7.62 -9.71 -16.68
CA GLY A 32 -8.86 -8.96 -16.58
C GLY A 32 -9.67 -9.32 -15.34
N THR A 33 -9.16 -10.23 -14.52
CA THR A 33 -9.84 -10.62 -13.29
C THR A 33 -9.08 -10.01 -12.11
N ALA A 34 -9.76 -9.15 -11.36
CA ALA A 34 -9.16 -8.46 -10.22
C ALA A 34 -8.70 -9.39 -9.11
N PHE A 35 -7.68 -8.96 -8.37
CA PHE A 35 -7.16 -9.72 -7.25
C PHE A 35 -8.31 -9.96 -6.27
N ASN A 36 -9.04 -8.89 -5.94
CA ASN A 36 -10.17 -8.99 -5.02
C ASN A 36 -11.42 -9.29 -5.84
N LEU A 37 -11.87 -10.54 -5.79
CA LEU A 37 -13.04 -10.95 -6.54
C LEU A 37 -14.34 -10.26 -6.15
N ARG A 38 -14.37 -9.63 -4.97
CA ARG A 38 -15.57 -8.91 -4.55
C ARG A 38 -15.75 -7.68 -5.42
N VAL A 39 -14.63 -7.16 -5.92
CA VAL A 39 -14.67 -5.97 -6.78
C VAL A 39 -13.95 -6.25 -8.09
N ASP A 40 -14.48 -7.22 -8.84
CA ASP A 40 -13.91 -7.59 -10.12
C ASP A 40 -14.64 -6.73 -11.16
N TYR A 41 -13.89 -6.14 -12.07
CA TYR A 41 -14.51 -5.31 -13.10
C TYR A 41 -14.15 -5.74 -14.51
N ASP A 42 -14.91 -5.24 -15.47
CA ASP A 42 -14.72 -5.56 -16.88
C ASP A 42 -14.13 -4.36 -17.62
N PRO A 43 -12.83 -4.40 -17.91
CA PRO A 43 -12.22 -3.27 -18.61
C PRO A 43 -12.74 -3.15 -20.05
N ALA A 44 -12.66 -1.97 -20.63
CA ALA A 44 -13.11 -1.75 -22.00
C ALA A 44 -12.17 -2.48 -22.95
N ALA A 45 -10.92 -2.63 -22.52
CA ALA A 45 -9.88 -3.29 -23.29
C ALA A 45 -8.64 -3.42 -22.41
N ILE A 46 -7.73 -4.29 -22.80
CA ILE A 46 -6.51 -4.48 -22.02
C ILE A 46 -5.30 -4.46 -22.94
N ALA A 47 -4.48 -3.42 -22.79
CA ALA A 47 -3.27 -3.27 -23.59
C ALA A 47 -2.13 -3.83 -22.75
N ILE A 48 -1.11 -4.34 -23.42
CA ILE A 48 0.04 -4.91 -22.73
C ILE A 48 1.31 -4.25 -23.27
N PRO A 49 1.59 -3.02 -22.82
CA PRO A 49 2.79 -2.31 -23.29
C PRO A 49 4.09 -3.00 -22.87
N ARG A 50 5.12 -2.82 -23.69
CA ARG A 50 6.42 -3.42 -23.43
C ARG A 50 7.49 -2.33 -23.45
N SER A 51 7.06 -1.09 -23.63
CA SER A 51 7.98 0.04 -23.68
C SER A 51 7.26 1.34 -23.38
N THR A 52 8.03 2.38 -23.12
CA THR A 52 7.45 3.69 -22.84
C THR A 52 6.63 4.15 -24.04
N GLU A 53 7.17 3.94 -25.24
CA GLU A 53 6.47 4.33 -26.46
C GLU A 53 5.13 3.59 -26.57
N ASP A 54 5.12 2.33 -26.15
CA ASP A 54 3.90 1.52 -26.18
C ASP A 54 2.85 2.14 -25.28
N ILE A 55 3.29 2.61 -24.11
CA ILE A 55 2.36 3.22 -23.16
C ILE A 55 1.75 4.48 -23.78
N ALA A 56 2.59 5.29 -24.41
CA ALA A 56 2.13 6.53 -25.02
C ALA A 56 1.14 6.24 -26.15
N ALA A 57 1.43 5.22 -26.96
CA ALA A 57 0.54 4.86 -28.07
C ALA A 57 -0.79 4.38 -27.51
N ALA A 58 -0.74 3.61 -26.43
CA ALA A 58 -1.94 3.09 -25.80
C ALA A 58 -2.78 4.24 -25.24
N VAL A 59 -2.13 5.22 -24.63
CA VAL A 59 -2.85 6.36 -24.09
C VAL A 59 -3.57 7.09 -25.22
N GLN A 60 -2.90 7.26 -26.36
CA GLN A 60 -3.51 7.94 -27.49
C GLN A 60 -4.77 7.20 -27.95
N CYS A 61 -4.72 5.87 -27.89
CA CYS A 61 -5.87 5.06 -28.28
C CYS A 61 -7.04 5.29 -27.34
N GLY A 62 -6.75 5.37 -26.05
CA GLY A 62 -7.82 5.60 -25.08
C GLY A 62 -8.42 6.97 -25.28
N LEU A 63 -7.59 7.95 -25.62
CA LEU A 63 -8.06 9.31 -25.86
C LEU A 63 -9.00 9.33 -27.06
N ASP A 64 -8.59 8.65 -28.13
CA ASP A 64 -9.40 8.58 -29.34
C ASP A 64 -10.74 7.91 -29.06
N ALA A 65 -10.74 6.92 -28.17
CA ALA A 65 -11.94 6.20 -27.82
C ALA A 65 -12.83 6.96 -26.84
N GLY A 66 -12.24 7.91 -26.13
CA GLY A 66 -13.00 8.70 -25.17
C GLY A 66 -13.27 7.97 -23.86
N VAL A 67 -12.38 7.06 -23.49
CA VAL A 67 -12.54 6.31 -22.24
C VAL A 67 -11.45 6.70 -21.26
N GLN A 68 -11.68 6.43 -19.97
CA GLN A 68 -10.66 6.73 -18.99
C GLN A 68 -9.64 5.61 -19.12
N ILE A 69 -8.41 5.89 -18.73
CA ILE A 69 -7.32 4.92 -18.86
C ILE A 69 -6.69 4.62 -17.52
N SER A 70 -6.59 3.33 -17.18
CA SER A 70 -6.01 2.95 -15.90
C SER A 70 -4.76 2.06 -15.99
N ALA A 71 -3.68 2.50 -15.37
CA ALA A 71 -2.45 1.73 -15.35
C ALA A 71 -2.61 0.65 -14.29
N LYS A 72 -2.16 -0.56 -14.58
CA LYS A 72 -2.23 -1.65 -13.62
C LYS A 72 -0.81 -2.12 -13.41
N GLY A 73 -0.33 -2.03 -12.17
CA GLY A 73 1.03 -2.44 -11.86
C GLY A 73 1.03 -3.90 -11.46
N GLY A 74 0.81 -4.16 -10.17
CA GLY A 74 0.78 -5.53 -9.69
C GLY A 74 -0.64 -6.00 -9.43
N GLY A 75 -1.60 -5.10 -9.62
CA GLY A 75 -3.01 -5.43 -9.42
C GLY A 75 -3.42 -5.76 -7.99
N HIS A 76 -2.65 -5.29 -7.00
CA HIS A 76 -2.99 -5.59 -5.61
C HIS A 76 -3.84 -4.58 -4.83
N SER A 77 -4.30 -3.51 -5.48
CA SER A 77 -5.14 -2.53 -4.78
C SER A 77 -6.46 -3.18 -4.37
N TYR A 78 -6.91 -2.87 -3.16
CA TYR A 78 -8.13 -3.45 -2.62
C TYR A 78 -9.43 -3.00 -3.28
N GLY A 79 -9.32 -1.95 -4.10
CA GLY A 79 -10.48 -1.43 -4.81
C GLY A 79 -10.34 -1.65 -6.30
N SER A 80 -9.32 -2.42 -6.68
CA SER A 80 -9.07 -2.74 -8.08
C SER A 80 -8.86 -1.48 -8.90
N TYR A 81 -8.04 -0.56 -8.41
CA TYR A 81 -7.82 0.69 -9.13
C TYR A 81 -6.99 0.55 -10.41
N GLY A 82 -6.43 -0.64 -10.61
CA GLY A 82 -5.67 -0.90 -11.83
C GLY A 82 -6.66 -0.99 -12.98
N PHE A 83 -7.94 -1.16 -12.62
CA PHE A 83 -9.05 -1.24 -13.56
C PHE A 83 -9.76 0.11 -13.60
N GLY A 84 -9.38 1.00 -12.68
CA GLY A 84 -10.02 2.29 -12.60
C GLY A 84 -11.05 2.26 -11.47
N GLY A 85 -11.14 1.10 -10.80
CA GLY A 85 -12.07 0.94 -9.70
C GLY A 85 -13.52 0.76 -10.13
N GLU A 86 -13.70 0.48 -11.41
CA GLU A 86 -15.05 0.27 -11.96
C GLU A 86 -14.87 -0.32 -13.35
N ASP A 87 -15.99 -0.62 -14.03
CA ASP A 87 -15.93 -1.20 -15.37
C ASP A 87 -15.70 -0.10 -16.41
N GLY A 88 -15.37 -0.52 -17.62
CA GLY A 88 -15.23 0.41 -18.72
C GLY A 88 -14.00 1.24 -19.00
N HIS A 89 -12.89 1.00 -18.30
CA HIS A 89 -11.68 1.76 -18.56
C HIS A 89 -10.71 0.99 -19.44
N LEU A 90 -9.88 1.70 -20.18
CA LEU A 90 -8.87 1.03 -20.98
C LEU A 90 -7.76 0.68 -19.98
N MET A 91 -7.50 -0.61 -19.80
CA MET A 91 -6.47 -1.02 -18.86
C MET A 91 -5.13 -1.22 -19.53
N LEU A 92 -4.08 -0.72 -18.90
CA LEU A 92 -2.72 -0.91 -19.37
C LEU A 92 -2.05 -1.85 -18.39
N GLU A 93 -1.98 -3.13 -18.76
CA GLU A 93 -1.36 -4.16 -17.93
C GLU A 93 0.14 -3.99 -18.10
N LEU A 94 0.79 -3.47 -17.07
CA LEU A 94 2.23 -3.19 -17.11
C LEU A 94 3.15 -4.28 -16.57
N ASP A 95 2.62 -5.41 -16.11
CA ASP A 95 3.50 -6.40 -15.49
C ASP A 95 4.50 -7.13 -16.38
N ARG A 96 4.54 -6.77 -17.67
CA ARG A 96 5.51 -7.35 -18.59
C ARG A 96 6.74 -6.43 -18.60
N MET A 97 6.58 -5.25 -18.00
CA MET A 97 7.65 -4.26 -17.90
C MET A 97 8.15 -4.24 -16.47
N TYR A 98 9.13 -5.09 -16.17
CA TYR A 98 9.66 -5.21 -14.81
C TYR A 98 11.18 -5.15 -14.66
N ARG A 99 11.86 -4.64 -15.68
CA ARG A 99 13.31 -4.54 -15.62
C ARG A 99 13.82 -3.71 -14.45
N VAL A 100 14.85 -4.23 -13.78
CA VAL A 100 15.48 -3.57 -12.66
C VAL A 100 16.96 -3.43 -12.99
N SER A 101 17.45 -2.20 -12.98
CA SER A 101 18.84 -1.93 -13.30
C SER A 101 19.50 -0.99 -12.29
N VAL A 102 20.53 -1.47 -11.61
CA VAL A 102 21.24 -0.65 -10.63
C VAL A 102 22.54 -0.13 -11.27
N ASP A 103 22.75 1.18 -11.23
CA ASP A 103 23.97 1.74 -11.83
C ASP A 103 25.14 1.80 -10.86
N ASP A 104 26.22 2.43 -11.30
CA ASP A 104 27.42 2.55 -10.50
C ASP A 104 27.25 3.44 -9.28
N ASN A 105 26.17 4.21 -9.25
CA ASN A 105 25.89 5.09 -8.12
C ASN A 105 24.84 4.50 -7.19
N ASN A 106 24.58 3.21 -7.37
CA ASN A 106 23.60 2.50 -6.55
C ASN A 106 22.18 3.02 -6.76
N VAL A 107 21.95 3.64 -7.91
CA VAL A 107 20.61 4.14 -8.24
C VAL A 107 19.92 3.06 -9.05
N ALA A 108 18.74 2.65 -8.58
CA ALA A 108 17.99 1.61 -9.25
C ALA A 108 16.87 2.15 -10.13
N THR A 109 16.88 1.75 -11.40
CA THR A 109 15.84 2.15 -12.33
C THR A 109 14.94 0.92 -12.41
N ILE A 110 13.68 1.10 -12.04
CA ILE A 110 12.69 0.01 -11.99
C ILE A 110 11.50 0.29 -12.88
N GLN A 111 11.23 -0.58 -13.85
CA GLN A 111 10.08 -0.34 -14.72
C GLN A 111 8.77 -0.38 -13.93
N GLY A 112 7.79 0.36 -14.43
CA GLY A 112 6.49 0.51 -13.77
C GLY A 112 5.64 -0.70 -13.45
N GLY A 113 5.97 -1.86 -14.05
CA GLY A 113 5.20 -3.06 -13.78
C GLY A 113 5.90 -4.06 -12.88
N ALA A 114 7.05 -3.69 -12.33
CA ALA A 114 7.80 -4.57 -11.44
C ALA A 114 7.08 -4.80 -10.12
N ARG A 115 7.31 -5.98 -9.53
CA ARG A 115 6.70 -6.33 -8.26
C ARG A 115 7.77 -6.37 -7.18
N LEU A 116 7.36 -6.24 -5.92
CA LEU A 116 8.29 -6.19 -4.81
C LEU A 116 9.29 -7.34 -4.67
N GLY A 117 8.81 -8.58 -4.77
CA GLY A 117 9.69 -9.73 -4.64
C GLY A 117 10.81 -9.75 -5.66
N TYR A 118 10.43 -9.70 -6.93
CA TYR A 118 11.38 -9.70 -8.03
C TYR A 118 12.37 -8.56 -7.85
N THR A 119 11.84 -7.38 -7.51
CA THR A 119 12.68 -6.21 -7.30
C THR A 119 13.69 -6.40 -6.18
N ALA A 120 13.26 -6.94 -5.04
CA ALA A 120 14.17 -7.17 -3.92
C ALA A 120 15.27 -8.14 -4.33
N LEU A 121 14.90 -9.19 -5.06
CA LEU A 121 15.87 -10.18 -5.52
C LEU A 121 16.91 -9.53 -6.43
N GLU A 122 16.44 -8.70 -7.36
CA GLU A 122 17.33 -8.03 -8.30
C GLU A 122 18.28 -7.04 -7.62
N LEU A 123 17.77 -6.31 -6.63
CA LEU A 123 18.59 -5.36 -5.91
C LEU A 123 19.69 -6.08 -5.12
N LEU A 124 19.35 -7.24 -4.58
CA LEU A 124 20.34 -8.02 -3.84
C LEU A 124 21.40 -8.59 -4.79
N ASP A 125 20.95 -9.04 -5.96
CA ASP A 125 21.85 -9.61 -6.95
C ASP A 125 22.75 -8.57 -7.61
N GLN A 126 22.28 -7.33 -7.65
CA GLN A 126 23.04 -6.26 -8.26
C GLN A 126 23.70 -5.31 -7.27
N GLY A 127 24.65 -5.81 -6.49
CA GLY A 127 25.34 -4.97 -5.53
C GLY A 127 24.93 -5.07 -4.08
N ASN A 128 24.13 -6.09 -3.75
CA ASN A 128 23.68 -6.28 -2.37
C ASN A 128 22.95 -5.04 -1.88
N ARG A 129 22.03 -4.55 -2.69
CA ARG A 129 21.27 -3.35 -2.35
C ARG A 129 19.87 -3.70 -1.84
N ALA A 130 19.25 -2.72 -1.19
CA ALA A 130 17.92 -2.91 -0.62
C ALA A 130 17.10 -1.62 -0.72
N LEU A 131 15.77 -1.78 -0.60
CA LEU A 131 14.86 -0.66 -0.67
C LEU A 131 13.85 -0.86 0.46
N SER A 132 13.17 0.20 0.87
CA SER A 132 12.19 0.09 1.95
C SER A 132 10.82 -0.14 1.30
N HIS A 133 10.20 -1.27 1.59
CA HIS A 133 8.90 -1.59 1.01
C HIS A 133 8.16 -2.67 1.80
N GLY A 134 6.94 -2.97 1.35
CA GLY A 134 6.12 -3.97 1.99
C GLY A 134 6.66 -5.39 1.97
N THR A 135 5.92 -6.29 2.61
CA THR A 135 6.30 -7.69 2.71
C THR A 135 5.86 -8.62 1.57
N ALA A 136 4.74 -8.29 0.94
CA ALA A 136 4.18 -9.13 -0.11
C ALA A 136 4.89 -9.06 -1.46
N PRO A 137 5.48 -10.18 -1.88
CA PRO A 137 6.20 -10.23 -3.17
C PRO A 137 5.43 -9.90 -4.44
N ALA A 138 4.11 -10.09 -4.43
CA ALA A 138 3.30 -9.82 -5.62
C ALA A 138 2.89 -8.35 -5.80
N VAL A 139 3.00 -7.57 -4.74
CA VAL A 139 2.61 -6.16 -4.82
C VAL A 139 3.45 -5.40 -5.85
N GLY A 140 2.77 -4.61 -6.66
CA GLY A 140 3.48 -3.83 -7.67
C GLY A 140 4.19 -2.62 -7.09
N VAL A 141 5.42 -2.39 -7.55
CA VAL A 141 6.19 -1.25 -7.10
C VAL A 141 5.45 0.05 -7.41
N GLY A 142 4.77 0.06 -8.56
CA GLY A 142 4.04 1.23 -8.99
C GLY A 142 2.99 1.74 -8.03
N GLY A 143 1.99 0.93 -7.74
CA GLY A 143 0.95 1.37 -6.83
C GLY A 143 1.51 1.59 -5.43
N HIS A 144 2.44 0.74 -5.05
CA HIS A 144 3.07 0.79 -3.74
C HIS A 144 3.71 2.16 -3.46
N VAL A 145 4.61 2.59 -4.34
CA VAL A 145 5.29 3.85 -4.12
C VAL A 145 4.40 5.08 -4.32
N LEU A 146 3.44 5.01 -5.22
CA LEU A 146 2.55 6.14 -5.45
C LEU A 146 1.68 6.45 -4.23
N GLY A 147 1.38 5.43 -3.42
CA GLY A 147 0.57 5.63 -2.24
C GLY A 147 1.37 5.75 -0.95
N GLY A 148 2.65 5.38 -1.02
CA GLY A 148 3.49 5.42 0.15
C GLY A 148 4.49 4.27 0.12
N GLY A 149 4.06 3.09 0.57
CA GLY A 149 4.93 1.92 0.59
C GLY A 149 5.39 1.72 2.01
N TYR A 150 4.60 0.99 2.78
CA TYR A 150 4.86 0.76 4.20
C TYR A 150 5.25 -0.67 4.54
N GLY A 151 6.24 -0.83 5.41
CA GLY A 151 6.66 -2.16 5.80
C GLY A 151 7.57 -2.17 7.02
N PHE A 152 8.23 -3.29 7.26
CA PHE A 152 9.10 -3.40 8.43
C PHE A 152 10.39 -2.58 8.39
N ALA A 153 10.60 -1.84 7.31
CA ALA A 153 11.79 -1.00 7.20
C ALA A 153 11.41 0.48 7.28
N THR A 154 10.11 0.77 7.37
CA THR A 154 9.65 2.16 7.39
C THR A 154 10.04 2.98 8.63
N HIS A 155 10.03 2.36 9.80
CA HIS A 155 10.38 3.09 11.01
C HIS A 155 11.85 3.47 10.97
N THR A 156 12.64 2.68 10.25
CA THR A 156 14.09 2.92 10.15
C THR A 156 14.53 3.68 8.90
N HIS A 157 13.87 3.42 7.78
CA HIS A 157 14.24 4.04 6.51
C HIS A 157 13.15 4.80 5.75
N GLY A 158 11.99 4.97 6.37
CA GLY A 158 10.91 5.70 5.73
C GLY A 158 10.11 4.88 4.73
N LEU A 159 9.22 5.57 4.02
CA LEU A 159 8.36 4.93 3.02
C LEU A 159 9.12 4.66 1.74
N THR A 160 8.56 3.81 0.88
CA THR A 160 9.20 3.51 -0.39
C THR A 160 9.38 4.83 -1.15
N LEU A 161 8.38 5.71 -1.05
CA LEU A 161 8.44 6.99 -1.76
C LEU A 161 9.53 7.93 -1.25
N ASP A 162 10.10 7.64 -0.08
CA ASP A 162 11.16 8.48 0.46
C ASP A 162 12.48 8.19 -0.22
N TRP A 163 12.51 7.17 -1.05
CA TRP A 163 13.72 6.80 -1.77
C TRP A 163 13.64 7.12 -3.26
N LEU A 164 12.49 7.62 -3.70
CA LEU A 164 12.31 7.95 -5.11
C LEU A 164 12.99 9.28 -5.45
N ILE A 165 13.78 9.29 -6.52
CA ILE A 165 14.48 10.50 -6.93
C ILE A 165 14.13 10.93 -8.36
N GLY A 166 13.38 10.11 -9.07
CA GLY A 166 13.01 10.48 -10.43
C GLY A 166 12.14 9.43 -11.11
N ALA A 167 11.68 9.75 -12.31
CA ALA A 167 10.83 8.82 -13.04
C ALA A 167 10.55 9.33 -14.45
N THR A 168 10.38 8.39 -15.38
CA THR A 168 10.03 8.74 -16.74
C THR A 168 8.56 8.36 -16.84
N VAL A 169 7.73 9.32 -17.20
CA VAL A 169 6.30 9.07 -17.24
C VAL A 169 5.62 9.49 -18.53
N VAL A 170 4.41 9.00 -18.70
CA VAL A 170 3.58 9.32 -19.85
C VAL A 170 2.41 10.12 -19.30
N LEU A 171 2.16 11.30 -19.86
CA LEU A 171 1.08 12.16 -19.39
C LEU A 171 -0.25 11.86 -20.07
N ALA A 172 -1.29 12.52 -19.59
CA ALA A 172 -2.65 12.35 -20.10
C ALA A 172 -2.79 12.73 -21.58
N ASP A 173 -1.84 13.50 -22.10
CA ASP A 173 -1.88 13.87 -23.51
C ASP A 173 -0.91 13.02 -24.33
N ALA A 174 -0.45 11.93 -23.70
CA ALA A 174 0.47 10.98 -24.33
C ALA A 174 1.91 11.47 -24.47
N SER A 175 2.23 12.61 -23.87
CA SER A 175 3.59 13.13 -23.95
C SER A 175 4.47 12.32 -22.99
N ILE A 176 5.77 12.28 -23.25
CA ILE A 176 6.70 11.54 -22.41
C ILE A 176 7.68 12.53 -21.79
N VAL A 177 7.75 12.56 -20.47
CA VAL A 177 8.64 13.48 -19.80
C VAL A 177 9.34 12.86 -18.60
N HIS A 178 10.41 13.51 -18.16
CA HIS A 178 11.14 13.04 -17.00
C HIS A 178 10.74 13.93 -15.83
N VAL A 179 10.64 13.33 -14.65
CA VAL A 179 10.27 14.08 -13.45
C VAL A 179 11.30 13.86 -12.36
N SER A 180 11.52 14.89 -11.55
CA SER A 180 12.47 14.85 -10.45
C SER A 180 12.28 16.09 -9.61
N GLU A 181 13.13 16.29 -8.61
CA GLU A 181 13.02 17.47 -7.77
C GLU A 181 13.39 18.75 -8.53
N THR A 182 14.06 18.58 -9.67
CA THR A 182 14.48 19.71 -10.47
C THR A 182 13.81 19.81 -11.84
N GLU A 183 12.91 18.87 -12.13
CA GLU A 183 12.22 18.84 -13.41
C GLU A 183 10.77 18.38 -13.23
N ASN A 184 9.82 19.26 -13.53
CA ASN A 184 8.40 18.94 -13.35
C ASN A 184 8.23 18.52 -11.89
N ALA A 185 8.92 19.25 -11.01
CA ALA A 185 8.91 18.96 -9.58
C ALA A 185 7.52 18.89 -8.94
N ASP A 186 6.55 19.60 -9.48
CA ASP A 186 5.21 19.55 -8.91
C ASP A 186 4.60 18.18 -9.16
N LEU A 187 4.85 17.61 -10.34
CA LEU A 187 4.32 16.28 -10.65
C LEU A 187 5.10 15.23 -9.85
N PHE A 188 6.40 15.50 -9.64
CA PHE A 188 7.23 14.58 -8.88
C PHE A 188 6.73 14.51 -7.43
N TRP A 189 6.28 15.64 -6.92
CA TRP A 189 5.75 15.73 -5.56
C TRP A 189 4.47 14.91 -5.46
N ALA A 190 3.60 15.09 -6.45
CA ALA A 190 2.32 14.37 -6.49
C ALA A 190 2.48 12.86 -6.61
N LEU A 191 3.45 12.42 -7.39
CA LEU A 191 3.69 10.99 -7.58
C LEU A 191 4.12 10.34 -6.28
N ARG A 192 4.71 11.13 -5.40
CA ARG A 192 5.16 10.61 -4.12
C ARG A 192 4.06 10.72 -3.05
N GLY A 193 3.02 9.90 -3.19
CA GLY A 193 1.95 9.90 -2.22
C GLY A 193 0.56 10.24 -2.73
N GLY A 194 0.50 10.81 -3.92
CA GLY A 194 -0.78 11.19 -4.51
C GLY A 194 -1.66 10.08 -5.01
N GLY A 195 -1.14 8.85 -5.00
CA GLY A 195 -1.94 7.74 -5.47
C GLY A 195 -2.03 7.70 -6.98
N GLY A 196 -3.16 7.23 -7.49
CA GLY A 196 -3.30 7.12 -8.93
C GLY A 196 -3.93 8.31 -9.65
N GLY A 197 -3.81 8.29 -10.97
CA GLY A 197 -4.42 9.34 -11.78
C GLY A 197 -3.62 10.54 -12.25
N PHE A 198 -2.34 10.63 -11.87
CA PHE A 198 -1.52 11.78 -12.28
C PHE A 198 -0.77 11.58 -13.59
N ALA A 199 -0.23 10.38 -13.77
CA ALA A 199 0.53 10.03 -14.97
C ALA A 199 0.76 8.52 -14.93
N ILE A 200 1.27 7.95 -16.01
CA ILE A 200 1.55 6.53 -16.04
C ILE A 200 3.08 6.43 -16.03
N VAL A 201 3.62 5.84 -14.96
CA VAL A 201 5.06 5.74 -14.83
C VAL A 201 5.64 4.54 -15.55
N SER A 202 6.53 4.81 -16.51
CA SER A 202 7.19 3.75 -17.26
C SER A 202 8.39 3.24 -16.48
N GLU A 203 9.10 4.16 -15.84
CA GLU A 203 10.30 3.85 -15.07
C GLU A 203 10.42 4.71 -13.82
N PHE A 204 10.76 4.08 -12.70
CA PHE A 204 10.98 4.77 -11.42
C PHE A 204 12.49 4.76 -11.20
N GLU A 205 13.02 5.82 -10.60
CA GLU A 205 14.44 5.90 -10.30
C GLU A 205 14.56 6.04 -8.78
N PHE A 206 15.17 5.05 -8.16
CA PHE A 206 15.33 5.02 -6.71
C PHE A 206 16.75 5.04 -6.20
N ASN A 207 16.94 5.69 -5.05
CA ASN A 207 18.23 5.66 -4.37
C ASN A 207 18.04 4.33 -3.63
N THR A 208 19.11 3.74 -3.11
CA THR A 208 19.00 2.48 -2.38
C THR A 208 19.97 2.49 -1.22
N PHE A 209 19.82 1.53 -0.32
CA PHE A 209 20.75 1.43 0.80
C PHE A 209 21.36 0.03 0.75
N GLU A 210 22.52 -0.13 1.36
CA GLU A 210 23.15 -1.44 1.35
C GLU A 210 22.37 -2.37 2.25
N ALA A 211 22.15 -3.60 1.80
CA ALA A 211 21.42 -4.56 2.62
C ALA A 211 22.11 -4.59 3.97
N PRO A 212 21.35 -4.42 5.06
CA PRO A 212 21.96 -4.44 6.40
C PRO A 212 22.70 -5.75 6.70
N GLU A 213 23.75 -5.65 7.49
CA GLU A 213 24.54 -6.81 7.85
C GLU A 213 23.73 -7.81 8.67
N ILE A 214 22.79 -7.30 9.47
CA ILE A 214 21.96 -8.16 10.30
C ILE A 214 20.58 -7.59 10.60
N ILE A 215 19.59 -8.47 10.60
CA ILE A 215 18.22 -8.09 10.90
C ILE A 215 17.71 -9.17 11.85
N THR A 216 17.12 -8.76 12.96
CA THR A 216 16.58 -9.73 13.91
C THR A 216 15.06 -9.62 13.84
N THR A 217 14.41 -10.71 13.45
CA THR A 217 12.95 -10.73 13.37
C THR A 217 12.44 -11.21 14.72
N TYR A 218 11.25 -10.80 15.10
CA TYR A 218 10.73 -11.20 16.40
C TYR A 218 9.21 -11.22 16.46
N GLN A 219 8.70 -11.87 17.50
CA GLN A 219 7.28 -11.94 17.76
C GLN A 219 7.09 -12.01 19.27
N VAL A 220 6.13 -11.24 19.77
CA VAL A 220 5.78 -11.23 21.19
C VAL A 220 4.33 -11.67 21.22
N THR A 221 4.05 -12.73 21.96
CA THR A 221 2.68 -13.23 22.07
C THR A 221 2.09 -12.81 23.41
N THR A 222 0.92 -12.20 23.37
CA THR A 222 0.28 -11.77 24.61
C THR A 222 -0.87 -12.69 24.96
N THR A 223 -1.25 -12.67 26.23
CA THR A 223 -2.36 -13.44 26.76
C THR A 223 -3.05 -12.37 27.60
N TRP A 224 -3.75 -11.48 26.91
CA TRP A 224 -4.44 -10.37 27.55
C TRP A 224 -5.96 -10.45 27.48
N ASN A 225 -6.61 -10.12 28.59
CA ASN A 225 -8.06 -10.11 28.63
C ASN A 225 -8.46 -8.70 28.20
N ARG A 226 -9.73 -8.36 28.32
CA ARG A 226 -10.24 -7.06 27.93
C ARG A 226 -9.47 -5.89 28.58
N LYS A 227 -9.40 -5.90 29.90
CA LYS A 227 -8.71 -4.86 30.64
C LYS A 227 -7.23 -4.77 30.29
N GLN A 228 -6.58 -5.92 30.14
CA GLN A 228 -5.16 -5.96 29.81
C GLN A 228 -4.89 -5.44 28.40
N HIS A 229 -5.88 -5.56 27.52
CA HIS A 229 -5.75 -5.06 26.15
C HIS A 229 -5.68 -3.54 26.21
N VAL A 230 -6.59 -2.93 26.96
CA VAL A 230 -6.64 -1.48 27.08
C VAL A 230 -5.38 -0.93 27.74
N ALA A 231 -5.00 -1.52 28.87
CA ALA A 231 -3.81 -1.07 29.60
C ALA A 231 -2.55 -1.29 28.76
N GLY A 232 -2.51 -2.42 28.04
CA GLY A 232 -1.36 -2.73 27.22
C GLY A 232 -1.19 -1.79 26.04
N LEU A 233 -2.30 -1.49 25.38
CA LEU A 233 -2.27 -0.58 24.23
C LEU A 233 -1.92 0.84 24.67
N LYS A 234 -2.39 1.23 25.86
CA LYS A 234 -2.11 2.57 26.37
C LYS A 234 -0.60 2.69 26.62
N ALA A 235 -0.01 1.64 27.17
CA ALA A 235 1.42 1.62 27.44
C ALA A 235 2.20 1.62 26.13
N LEU A 236 1.78 0.77 25.18
CA LEU A 236 2.44 0.70 23.89
C LEU A 236 2.40 2.04 23.16
N GLN A 237 1.31 2.79 23.37
CA GLN A 237 1.16 4.07 22.71
C GLN A 237 2.19 5.08 23.21
N ASP A 238 2.36 5.15 24.53
CA ASP A 238 3.33 6.08 25.10
C ASP A 238 4.73 5.72 24.64
N TRP A 239 5.03 4.42 24.61
CA TRP A 239 6.32 3.91 24.19
C TRP A 239 6.58 4.18 22.70
N ALA A 240 5.55 3.99 21.88
CA ALA A 240 5.69 4.22 20.45
C ALA A 240 5.95 5.70 20.16
N GLN A 241 5.23 6.55 20.87
CA GLN A 241 5.34 8.00 20.71
C GLN A 241 6.69 8.57 21.12
N ASN A 242 7.20 8.13 22.26
CA ASN A 242 8.45 8.68 22.77
C ASN A 242 9.70 7.81 22.80
N THR A 243 9.53 6.49 22.88
CA THR A 243 10.68 5.60 23.02
C THR A 243 11.14 4.68 21.90
N MET A 244 10.23 3.92 21.30
CA MET A 244 10.63 2.97 20.26
C MET A 244 11.74 3.50 19.37
N PRO A 245 12.90 2.81 19.37
CA PRO A 245 14.10 3.13 18.60
C PRO A 245 13.93 3.20 17.09
N ARG A 246 14.72 4.06 16.47
CA ARG A 246 14.69 4.23 15.03
C ARG A 246 14.90 2.88 14.34
N GLU A 247 15.84 2.09 14.88
CA GLU A 247 16.19 0.78 14.33
C GLU A 247 15.15 -0.33 14.48
N LEU A 248 14.05 -0.04 15.19
CA LEU A 248 13.03 -1.07 15.41
C LEU A 248 11.69 -0.77 14.76
N SER A 249 11.06 -1.81 14.21
CA SER A 249 9.73 -1.67 13.63
C SER A 249 8.83 -2.61 14.41
N MET A 250 7.53 -2.32 14.40
CA MET A 250 6.58 -3.16 15.13
C MET A 250 5.16 -2.92 14.65
N ARG A 251 4.38 -3.98 14.67
CA ARG A 251 2.98 -3.91 14.32
C ARG A 251 2.32 -4.95 15.19
N LEU A 252 1.06 -4.74 15.51
CA LEU A 252 0.33 -5.70 16.31
C LEU A 252 -0.61 -6.47 15.39
N GLU A 253 -0.55 -7.79 15.46
CA GLU A 253 -1.43 -8.64 14.68
C GLU A 253 -2.59 -8.91 15.62
N ILE A 254 -3.78 -8.45 15.25
CA ILE A 254 -4.96 -8.62 16.10
C ILE A 254 -6.08 -9.39 15.42
N ASN A 255 -6.64 -10.36 16.14
CA ASN A 255 -7.75 -11.13 15.63
C ASN A 255 -8.67 -11.46 16.83
N ALA A 256 -9.71 -12.24 16.58
CA ALA A 256 -10.67 -12.59 17.63
C ALA A 256 -10.08 -13.22 18.89
N ASN A 257 -9.01 -13.99 18.74
CA ASN A 257 -8.43 -14.65 19.91
C ASN A 257 -6.97 -14.36 20.20
N ALA A 258 -6.43 -13.29 19.64
CA ALA A 258 -5.03 -12.97 19.89
C ALA A 258 -4.61 -11.55 19.59
N LEU A 259 -3.46 -11.19 20.15
CA LEU A 259 -2.83 -9.90 19.96
C LEU A 259 -1.35 -10.20 20.10
N ASN A 260 -0.62 -10.09 18.99
CA ASN A 260 0.81 -10.37 19.00
C ASN A 260 1.58 -9.18 18.44
N TRP A 261 2.81 -8.99 18.90
CA TRP A 261 3.63 -7.91 18.39
C TRP A 261 4.64 -8.59 17.48
N GLU A 262 4.97 -7.97 16.36
CA GLU A 262 5.97 -8.56 15.46
C GLU A 262 6.67 -7.46 14.67
N GLY A 263 7.88 -7.76 14.22
CA GLY A 263 8.61 -6.77 13.44
C GLY A 263 10.06 -7.15 13.23
N ASN A 264 10.84 -6.19 12.71
CA ASN A 264 12.25 -6.39 12.45
C ASN A 264 13.09 -5.39 13.22
N PHE A 265 14.31 -5.80 13.56
CA PHE A 265 15.22 -4.93 14.27
C PHE A 265 16.54 -4.86 13.51
N PHE A 266 16.98 -3.65 13.20
CA PHE A 266 18.24 -3.47 12.49
C PHE A 266 19.33 -3.52 13.56
N GLY A 267 19.64 -4.74 13.98
CA GLY A 267 20.63 -4.99 15.02
C GLY A 267 20.55 -6.45 15.43
N ASN A 268 21.22 -6.80 16.53
CA ASN A 268 21.24 -8.18 17.00
C ASN A 268 20.19 -8.51 18.06
N ALA A 269 20.04 -9.80 18.33
CA ALA A 269 19.06 -10.28 19.31
C ALA A 269 19.39 -9.86 20.75
N LYS A 270 20.67 -9.69 21.06
CA LYS A 270 21.06 -9.28 22.41
C LYS A 270 20.51 -7.90 22.70
N ASP A 271 20.72 -6.97 21.77
CA ASP A 271 20.24 -5.60 21.94
C ASP A 271 18.72 -5.53 21.89
N LEU A 272 18.10 -6.36 21.05
CA LEU A 272 16.65 -6.35 20.93
C LEU A 272 15.96 -6.78 22.22
N LYS A 273 16.47 -7.84 22.86
CA LYS A 273 15.86 -8.31 24.10
C LYS A 273 15.87 -7.19 25.15
N LYS A 274 16.94 -6.40 25.17
CA LYS A 274 17.05 -5.31 26.13
C LYS A 274 16.09 -4.18 25.83
N ILE A 275 15.64 -4.09 24.57
CA ILE A 275 14.69 -3.06 24.17
C ILE A 275 13.27 -3.52 24.47
N LEU A 276 12.99 -4.80 24.22
CA LEU A 276 11.65 -5.33 24.44
C LEU A 276 11.31 -5.58 25.91
N GLN A 277 12.32 -5.96 26.70
CA GLN A 277 12.10 -6.25 28.12
C GLN A 277 11.34 -5.13 28.85
N PRO A 278 11.85 -3.89 28.80
CA PRO A 278 11.20 -2.77 29.48
C PRO A 278 9.74 -2.54 29.08
N ILE A 279 9.47 -2.56 27.78
CA ILE A 279 8.10 -2.33 27.32
C ILE A 279 7.17 -3.51 27.62
N MET A 280 7.70 -4.72 27.59
CA MET A 280 6.87 -5.88 27.90
C MET A 280 6.42 -5.74 29.36
N LYS A 281 7.30 -5.22 30.20
CA LYS A 281 6.98 -5.02 31.61
C LYS A 281 6.00 -3.86 31.76
N LYS A 282 6.29 -2.74 31.09
CA LYS A 282 5.42 -1.57 31.18
C LYS A 282 4.04 -1.84 30.59
N ALA A 283 3.95 -2.79 29.65
CA ALA A 283 2.67 -3.11 29.02
C ALA A 283 1.82 -4.00 29.92
N GLY A 284 2.36 -4.37 31.07
CA GLY A 284 1.63 -5.20 32.02
C GLY A 284 1.97 -6.67 32.01
N GLY A 285 3.10 -7.02 31.43
CA GLY A 285 3.48 -8.43 31.38
C GLY A 285 2.46 -9.24 30.61
N LYS A 286 2.22 -10.47 31.05
CA LYS A 286 1.27 -11.36 30.39
C LYS A 286 1.63 -11.51 28.90
N SER A 287 2.94 -11.51 28.62
CA SER A 287 3.43 -11.65 27.26
C SER A 287 4.77 -12.37 27.29
N THR A 288 5.19 -12.90 26.14
CA THR A 288 6.45 -13.61 26.06
C THR A 288 6.97 -13.56 24.63
N ILE A 289 8.29 -13.63 24.47
CA ILE A 289 8.86 -13.61 23.13
C ILE A 289 8.73 -15.02 22.57
N SER A 290 7.95 -15.16 21.51
CA SER A 290 7.70 -16.45 20.88
C SER A 290 8.52 -16.71 19.62
N LYS A 291 9.16 -15.66 19.11
CA LYS A 291 10.01 -15.76 17.92
C LYS A 291 11.15 -14.75 18.08
N LEU A 292 12.37 -15.18 17.78
CA LEU A 292 13.53 -14.30 17.88
C LEU A 292 14.66 -14.92 17.08
N VAL A 293 14.89 -14.38 15.88
CA VAL A 293 15.93 -14.92 15.01
C VAL A 293 16.76 -13.88 14.27
N GLU A 294 18.08 -14.07 14.32
CA GLU A 294 18.99 -13.18 13.63
C GLU A 294 19.17 -13.73 12.22
N THR A 295 19.03 -12.87 11.22
CA THR A 295 19.15 -13.30 9.84
C THR A 295 19.63 -12.12 9.01
N ASP A 296 19.49 -12.21 7.69
CA ASP A 296 19.91 -11.11 6.83
C ASP A 296 18.71 -10.55 6.07
N TRP A 297 18.98 -9.70 5.08
CA TRP A 297 17.89 -9.07 4.32
C TRP A 297 17.03 -10.10 3.61
N TYR A 298 17.68 -11.03 2.91
CA TYR A 298 16.97 -12.08 2.18
C TYR A 298 16.16 -12.90 3.18
N GLY A 299 16.76 -13.13 4.35
CA GLY A 299 16.08 -13.90 5.38
C GLY A 299 14.83 -13.25 5.91
N GLN A 300 14.88 -11.96 6.23
CA GLN A 300 13.69 -11.29 6.75
C GLN A 300 12.59 -11.23 5.70
N ILE A 301 12.96 -11.00 4.44
CA ILE A 301 11.98 -10.97 3.37
C ILE A 301 11.23 -12.30 3.33
N ASN A 302 11.98 -13.39 3.42
CA ASN A 302 11.39 -14.72 3.39
C ASN A 302 10.68 -15.12 4.68
N THR A 303 10.59 -14.20 5.63
CA THR A 303 9.92 -14.49 6.89
C THR A 303 8.47 -14.05 6.84
N TYR A 304 8.13 -13.19 5.89
CA TYR A 304 6.78 -12.66 5.77
C TYR A 304 6.12 -12.85 4.41
N LEU A 305 6.35 -13.98 3.75
CA LEU A 305 5.74 -14.22 2.45
C LEU A 305 4.34 -14.81 2.56
N TYR A 306 4.10 -15.50 3.68
CA TYR A 306 2.81 -16.12 3.92
C TYR A 306 2.39 -17.04 2.78
N GLY A 307 3.32 -17.90 2.37
CA GLY A 307 3.05 -18.86 1.31
C GLY A 307 3.14 -18.35 -0.12
N ALA A 308 3.32 -17.05 -0.30
CA ALA A 308 3.42 -16.49 -1.64
C ALA A 308 4.77 -16.76 -2.27
N ASP A 309 4.79 -16.89 -3.59
CA ASP A 309 6.04 -17.12 -4.31
C ASP A 309 6.80 -15.80 -4.26
N LEU A 310 8.11 -15.87 -4.00
CA LEU A 310 8.92 -14.67 -3.92
C LEU A 310 9.16 -14.00 -5.27
N ASN A 311 9.45 -14.81 -6.28
CA ASN A 311 9.74 -14.28 -7.60
C ASN A 311 8.54 -14.31 -8.55
N ILE A 312 7.79 -13.21 -8.57
CA ILE A 312 6.61 -13.11 -9.41
C ILE A 312 6.75 -12.00 -10.45
N THR A 313 6.44 -12.31 -11.70
CA THR A 313 6.48 -11.31 -12.77
C THR A 313 5.12 -11.20 -13.46
N TYR A 314 4.95 -11.85 -14.62
CA TYR A 314 3.67 -11.73 -15.32
C TYR A 314 2.75 -12.96 -15.30
N ASN A 315 3.15 -14.01 -14.60
CA ASN A 315 2.30 -15.19 -14.49
C ASN A 315 1.63 -15.08 -13.12
N TYR A 316 0.62 -14.23 -13.02
CA TYR A 316 -0.06 -14.02 -11.74
C TYR A 316 -1.57 -14.20 -11.80
N ASP A 317 -2.07 -15.19 -11.06
CA ASP A 317 -3.50 -15.46 -11.05
C ASP A 317 -3.99 -15.83 -9.65
N VAL A 318 -3.54 -15.08 -8.65
CA VAL A 318 -3.94 -15.31 -7.27
C VAL A 318 -5.11 -14.39 -6.94
N HIS A 319 -6.08 -14.89 -6.18
CA HIS A 319 -7.23 -14.07 -5.84
C HIS A 319 -7.77 -14.32 -4.45
N GLU A 320 -8.56 -13.36 -3.97
CA GLU A 320 -9.20 -13.42 -2.67
C GLU A 320 -10.55 -12.73 -2.78
N TYR A 321 -11.35 -12.81 -1.73
CA TYR A 321 -12.66 -12.15 -1.70
C TYR A 321 -12.71 -11.51 -0.32
N PHE A 322 -12.65 -10.18 -0.27
CA PHE A 322 -12.63 -9.49 1.00
C PHE A 322 -13.05 -8.02 0.93
N TYR A 323 -13.16 -7.42 2.11
CA TYR A 323 -13.46 -6.01 2.25
C TYR A 323 -12.43 -5.52 3.25
N ALA A 324 -11.67 -4.50 2.86
CA ALA A 324 -10.65 -3.96 3.73
C ALA A 324 -10.96 -2.50 4.07
N ASN A 325 -10.25 -1.98 5.06
CA ASN A 325 -10.43 -0.59 5.45
C ASN A 325 -9.13 -0.18 6.15
N SER A 326 -8.99 1.10 6.43
CA SER A 326 -7.78 1.58 7.10
C SER A 326 -8.07 2.83 7.87
N LEU A 327 -7.05 3.33 8.56
CA LEU A 327 -7.18 4.53 9.37
C LEU A 327 -5.81 5.01 9.80
N THR A 328 -5.66 6.33 9.90
CA THR A 328 -4.41 6.91 10.41
C THR A 328 -4.93 7.82 11.51
N ALA A 329 -4.15 8.01 12.57
CA ALA A 329 -4.60 8.84 13.67
C ALA A 329 -3.47 9.24 14.60
N PRO A 330 -3.70 10.29 15.40
CA PRO A 330 -2.69 10.76 16.35
C PRO A 330 -2.87 9.95 17.63
N ARG A 331 -2.23 10.38 18.71
CA ARG A 331 -2.37 9.69 19.99
C ARG A 331 -3.86 9.56 20.31
N LEU A 332 -4.25 8.43 20.90
CA LEU A 332 -5.65 8.17 21.23
C LEU A 332 -5.97 8.36 22.70
N SER A 333 -7.23 8.67 22.97
CA SER A 333 -7.72 8.86 24.33
C SER A 333 -8.01 7.48 24.89
N ASP A 334 -8.15 7.37 26.22
CA ASP A 334 -8.44 6.07 26.82
C ASP A 334 -9.79 5.57 26.31
N GLU A 335 -10.72 6.49 26.11
CA GLU A 335 -12.06 6.15 25.64
C GLU A 335 -12.01 5.45 24.29
N ALA A 336 -11.18 5.97 23.40
CA ALA A 336 -11.02 5.42 22.05
C ALA A 336 -10.47 4.00 22.12
N ILE A 337 -9.42 3.81 22.90
CA ILE A 337 -8.80 2.49 23.04
C ILE A 337 -9.81 1.52 23.65
N GLN A 338 -10.52 1.97 24.68
CA GLN A 338 -11.51 1.13 25.34
C GLN A 338 -12.60 0.72 24.35
N ALA A 339 -13.02 1.66 23.51
CA ALA A 339 -14.06 1.39 22.52
C ALA A 339 -13.59 0.35 21.51
N PHE A 340 -12.35 0.48 21.07
CA PHE A 340 -11.76 -0.45 20.10
C PHE A 340 -11.70 -1.86 20.69
N VAL A 341 -11.21 -1.98 21.91
CA VAL A 341 -11.10 -3.27 22.58
C VAL A 341 -12.47 -3.89 22.82
N ASP A 342 -13.43 -3.09 23.29
CA ASP A 342 -14.77 -3.62 23.53
C ASP A 342 -15.35 -4.18 22.23
N TYR A 343 -15.07 -3.49 21.12
CA TYR A 343 -15.59 -3.93 19.83
C TYR A 343 -15.01 -5.30 19.47
N LYS A 344 -13.73 -5.52 19.76
CA LYS A 344 -13.11 -6.80 19.49
C LYS A 344 -13.78 -7.91 20.30
N PHE A 345 -14.00 -7.64 21.58
CA PHE A 345 -14.60 -8.61 22.48
C PHE A 345 -16.11 -8.83 22.33
N ASP A 346 -16.85 -7.80 21.95
CA ASP A 346 -18.31 -7.97 21.86
C ASP A 346 -18.97 -7.82 20.49
N ASN A 347 -18.24 -7.31 19.50
CA ASN A 347 -18.85 -7.12 18.19
C ASN A 347 -18.14 -7.76 17.00
N SER A 348 -17.26 -8.72 17.24
CA SER A 348 -16.52 -9.32 16.13
C SER A 348 -16.85 -10.77 15.80
N SER A 349 -18.06 -11.21 16.12
CA SER A 349 -18.46 -12.58 15.82
C SER A 349 -18.80 -12.70 14.33
N VAL A 350 -18.27 -13.72 13.67
CA VAL A 350 -18.53 -13.93 12.25
C VAL A 350 -18.87 -15.38 11.98
N ARG A 351 -19.61 -15.61 10.90
CA ARG A 351 -20.02 -16.95 10.50
C ARG A 351 -18.82 -17.80 10.10
N PRO A 352 -18.95 -19.13 10.20
CA PRO A 352 -17.82 -19.96 9.79
C PRO A 352 -17.63 -19.76 8.29
N GLY A 353 -16.38 -19.69 7.85
CA GLY A 353 -16.11 -19.46 6.45
C GLY A 353 -15.77 -18.00 6.24
N ARG A 354 -15.85 -17.23 7.32
CA ARG A 354 -15.53 -15.81 7.31
C ARG A 354 -14.54 -15.57 8.44
N GLY A 355 -13.65 -14.61 8.27
CA GLY A 355 -12.67 -14.33 9.31
C GLY A 355 -12.13 -12.93 9.17
N TRP A 356 -11.52 -12.42 10.22
CA TRP A 356 -10.97 -11.07 10.17
C TRP A 356 -9.67 -10.91 10.95
N TRP A 357 -8.94 -9.85 10.62
CA TRP A 357 -7.72 -9.52 11.33
C TRP A 357 -7.45 -8.04 11.17
N ILE A 358 -6.67 -7.50 12.10
CA ILE A 358 -6.32 -6.08 12.08
C ILE A 358 -4.84 -5.96 12.34
N GLN A 359 -4.21 -4.98 11.69
CA GLN A 359 -2.79 -4.72 11.90
C GLN A 359 -2.72 -3.31 12.45
N TRP A 360 -2.10 -3.18 13.61
CA TRP A 360 -1.93 -1.90 14.30
C TRP A 360 -0.45 -1.54 14.09
N ASP A 361 -0.19 -0.64 13.15
CA ASP A 361 1.18 -0.24 12.80
C ASP A 361 1.77 0.95 13.54
N PHE A 362 3.00 0.77 14.02
CA PHE A 362 3.73 1.81 14.72
C PHE A 362 4.38 2.65 13.62
N HIS A 363 3.51 3.48 13.03
CA HIS A 363 3.76 4.35 11.89
C HIS A 363 4.62 5.60 12.14
N GLY A 364 4.16 6.45 13.05
CA GLY A 364 4.89 7.66 13.38
C GLY A 364 5.65 7.51 14.68
N GLY A 365 5.82 8.61 15.40
CA GLY A 365 6.55 8.54 16.66
C GLY A 365 7.86 9.30 16.60
N LYS A 366 8.34 9.72 17.75
CA LYS A 366 9.58 10.49 17.86
C LYS A 366 10.76 10.00 17.01
N ASN A 367 11.02 8.69 17.05
CA ASN A 367 12.16 8.13 16.33
C ASN A 367 11.86 7.48 14.99
N SER A 368 10.63 7.64 14.50
CA SER A 368 10.23 7.06 13.22
C SER A 368 10.83 7.88 12.07
N ALA A 369 11.52 7.20 11.16
CA ALA A 369 12.11 7.89 10.02
C ALA A 369 11.00 8.49 9.17
N LEU A 370 9.85 7.83 9.14
CA LEU A 370 8.72 8.34 8.36
C LEU A 370 8.28 9.70 8.88
N ALA A 371 8.17 9.82 10.21
CA ALA A 371 7.74 11.07 10.83
C ALA A 371 8.80 12.16 10.82
N ALA A 372 10.00 11.84 10.36
CA ALA A 372 11.09 12.80 10.29
C ALA A 372 10.96 13.65 9.04
N VAL A 373 10.00 13.30 8.19
CA VAL A 373 9.74 14.02 6.94
C VAL A 373 8.47 14.84 7.11
N SER A 374 8.50 16.07 6.61
CA SER A 374 7.35 16.97 6.71
C SER A 374 6.19 16.60 5.79
N ASN A 375 4.97 16.95 6.22
CA ASN A 375 3.77 16.69 5.43
C ASN A 375 3.86 17.52 4.14
N ASP A 376 4.75 18.50 4.12
CA ASP A 376 4.93 19.36 2.95
C ASP A 376 5.96 18.85 1.96
N GLU A 377 6.87 18.01 2.44
CA GLU A 377 7.95 17.48 1.60
C GLU A 377 7.54 16.54 0.48
N THR A 378 6.47 15.78 0.68
CA THR A 378 5.97 14.87 -0.34
C THR A 378 4.46 14.94 -0.26
N ALA A 379 3.77 14.30 -1.20
CA ALA A 379 2.32 14.30 -1.18
C ALA A 379 1.77 13.47 -0.02
N TYR A 380 2.59 12.60 0.56
CA TYR A 380 2.13 11.79 1.69
C TYR A 380 1.68 12.76 2.77
N ALA A 381 0.44 12.61 3.23
CA ALA A 381 -0.13 13.54 4.21
C ALA A 381 -0.38 13.03 5.63
N HIS A 382 0.28 11.93 6.02
CA HIS A 382 0.08 11.37 7.34
C HIS A 382 1.34 11.37 8.22
N ARG A 383 2.31 12.21 7.85
CA ARG A 383 3.56 12.30 8.59
C ARG A 383 3.35 12.68 10.06
N ASP A 384 2.21 13.30 10.35
CA ASP A 384 1.89 13.74 11.70
C ASP A 384 1.10 12.72 12.50
N GLN A 385 0.79 11.58 11.87
CA GLN A 385 0.01 10.54 12.50
C GLN A 385 0.84 9.43 13.11
N LEU A 386 0.62 9.18 14.40
CA LEU A 386 1.35 8.14 15.12
C LEU A 386 0.94 6.75 14.65
N TRP A 387 -0.35 6.56 14.41
CA TRP A 387 -0.88 5.26 14.05
C TRP A 387 -1.42 5.05 12.64
N LEU A 388 -1.27 3.81 12.17
CA LEU A 388 -1.78 3.35 10.89
C LEU A 388 -2.39 1.98 11.18
N TRP A 389 -3.58 1.74 10.65
CA TRP A 389 -4.27 0.47 10.84
C TRP A 389 -4.75 -0.10 9.52
N GLN A 390 -4.73 -1.42 9.44
CA GLN A 390 -5.28 -2.11 8.28
C GLN A 390 -6.35 -3.03 8.87
N PHE A 391 -7.56 -2.94 8.33
CA PHE A 391 -8.69 -3.76 8.78
C PHE A 391 -8.99 -4.72 7.63
N TYR A 392 -9.12 -6.01 7.93
CA TYR A 392 -9.35 -6.98 6.86
C TYR A 392 -10.48 -7.97 7.19
N ASP A 393 -11.51 -7.99 6.35
CA ASP A 393 -12.66 -8.88 6.53
C ASP A 393 -12.67 -9.85 5.35
N SER A 394 -12.33 -11.11 5.61
CA SER A 394 -12.24 -12.12 4.55
C SER A 394 -13.37 -13.13 4.50
N ILE A 395 -13.68 -13.55 3.28
CA ILE A 395 -14.69 -14.57 3.02
C ILE A 395 -13.85 -15.70 2.44
N TYR A 396 -13.62 -16.75 3.22
CA TYR A 396 -12.81 -17.87 2.76
C TYR A 396 -13.51 -18.81 1.78
N ASP A 397 -14.79 -19.07 2.01
CA ASP A 397 -15.54 -19.96 1.13
C ASP A 397 -16.41 -19.20 0.13
N TYR A 398 -15.83 -18.15 -0.45
CA TYR A 398 -16.54 -17.31 -1.42
C TYR A 398 -17.06 -18.05 -2.65
N GLU A 399 -16.42 -19.17 -2.99
CA GLU A 399 -16.86 -19.93 -4.15
C GLU A 399 -18.22 -20.58 -3.91
N ASN A 400 -18.59 -20.73 -2.63
CA ASN A 400 -19.86 -21.33 -2.28
C ASN A 400 -20.84 -20.31 -1.68
N ASN A 401 -20.32 -19.38 -0.90
CA ASN A 401 -21.15 -18.37 -0.26
C ASN A 401 -20.39 -17.09 0.01
N THR A 402 -20.97 -15.95 -0.38
CA THR A 402 -20.33 -14.66 -0.18
C THR A 402 -21.05 -13.82 0.87
N SER A 403 -22.21 -14.28 1.32
CA SER A 403 -22.98 -13.56 2.32
C SER A 403 -22.09 -13.17 3.49
N PRO A 404 -22.31 -11.99 4.07
CA PRO A 404 -23.34 -11.01 3.72
C PRO A 404 -23.09 -10.22 2.43
N TYR A 405 -21.89 -10.34 1.86
CA TYR A 405 -21.57 -9.63 0.63
C TYR A 405 -22.26 -10.26 -0.57
N PRO A 406 -22.48 -9.49 -1.64
CA PRO A 406 -22.10 -8.07 -1.77
C PRO A 406 -23.08 -7.07 -1.17
N GLU A 407 -24.26 -7.53 -0.76
CA GLU A 407 -25.27 -6.65 -0.19
C GLU A 407 -24.82 -5.89 1.04
N SER A 408 -24.28 -6.61 2.02
CA SER A 408 -23.83 -5.96 3.25
C SER A 408 -22.62 -6.66 3.84
N GLY A 409 -22.26 -6.25 5.06
CA GLY A 409 -21.11 -6.83 5.74
C GLY A 409 -20.11 -5.75 6.10
N PHE A 410 -20.16 -4.65 5.35
CA PHE A 410 -19.27 -3.52 5.55
C PHE A 410 -19.37 -2.92 6.94
N GLU A 411 -20.58 -2.92 7.50
CA GLU A 411 -20.80 -2.34 8.82
C GLU A 411 -19.91 -2.91 9.91
N PHE A 412 -19.43 -4.14 9.73
CA PHE A 412 -18.57 -4.77 10.72
C PHE A 412 -17.28 -3.96 10.85
N MET A 413 -16.49 -3.88 9.77
CA MET A 413 -15.26 -3.12 9.84
C MET A 413 -15.44 -1.60 9.91
N GLN A 414 -16.53 -1.09 9.36
CA GLN A 414 -16.76 0.36 9.43
C GLN A 414 -17.01 0.72 10.90
N GLY A 415 -17.63 -0.19 11.63
CA GLY A 415 -17.91 0.05 13.03
C GLY A 415 -16.63 -0.05 13.85
N PHE A 416 -15.75 -0.95 13.43
CA PHE A 416 -14.47 -1.16 14.12
C PHE A 416 -13.64 0.12 13.97
N VAL A 417 -13.67 0.71 12.78
CA VAL A 417 -12.93 1.95 12.51
C VAL A 417 -13.51 3.09 13.33
N ALA A 418 -14.83 3.15 13.38
CA ALA A 418 -15.53 4.20 14.11
C ALA A 418 -15.19 4.28 15.59
N THR A 419 -14.93 3.12 16.21
CA THR A 419 -14.61 3.12 17.64
C THR A 419 -13.51 4.14 17.93
N ILE A 420 -12.56 4.25 17.01
CA ILE A 420 -11.46 5.18 17.16
C ILE A 420 -11.69 6.51 16.43
N GLU A 421 -12.09 6.42 15.17
CA GLU A 421 -12.31 7.62 14.36
C GLU A 421 -13.27 8.65 14.96
N ASP A 422 -14.37 8.18 15.54
CA ASP A 422 -15.36 9.09 16.13
C ASP A 422 -14.80 10.00 17.23
N THR A 423 -13.71 9.58 17.85
CA THR A 423 -13.11 10.35 18.93
C THR A 423 -12.07 11.36 18.45
N LEU A 424 -11.78 11.35 17.16
CA LEU A 424 -10.77 12.23 16.60
C LEU A 424 -11.29 13.54 16.03
N PRO A 425 -10.46 14.59 16.05
CA PRO A 425 -10.89 15.88 15.50
C PRO A 425 -11.00 15.63 14.00
N GLU A 426 -11.91 16.32 13.33
CA GLU A 426 -12.10 16.13 11.90
C GLU A 426 -10.84 16.18 11.05
N ASP A 427 -9.97 17.15 11.32
CA ASP A 427 -8.74 17.30 10.55
C ASP A 427 -7.73 16.18 10.75
N ARG A 428 -7.88 15.43 11.83
CA ARG A 428 -6.95 14.34 12.13
C ARG A 428 -7.47 12.98 11.68
N LYS A 429 -8.64 12.95 11.05
CA LYS A 429 -9.20 11.70 10.56
C LYS A 429 -8.59 11.38 9.20
N GLY A 430 -8.05 10.18 9.05
CA GLY A 430 -7.46 9.83 7.77
C GLY A 430 -7.49 8.36 7.46
N LYS A 431 -7.14 8.03 6.22
CA LYS A 431 -7.06 6.64 5.77
C LYS A 431 -5.83 6.55 4.88
N TYR A 432 -5.36 5.34 4.65
CA TYR A 432 -4.16 5.10 3.83
C TYR A 432 -4.61 4.53 2.49
N PHE A 433 -4.37 5.27 1.41
CA PHE A 433 -4.80 4.85 0.08
C PHE A 433 -4.39 3.44 -0.31
N ASN A 434 -3.21 2.99 0.12
CA ASN A 434 -2.77 1.64 -0.23
C ASN A 434 -3.62 0.55 0.42
N TYR A 435 -4.39 0.92 1.44
CA TYR A 435 -5.31 -0.01 2.11
C TYR A 435 -6.68 0.66 1.93
N ALA A 436 -7.16 0.66 0.70
CA ALA A 436 -8.41 1.35 0.34
C ALA A 436 -9.74 0.80 0.84
N ASP A 437 -10.64 1.74 1.15
CA ASP A 437 -12.00 1.47 1.61
C ASP A 437 -12.91 1.77 0.41
N THR A 438 -13.44 0.72 -0.22
CA THR A 438 -14.28 0.90 -1.40
C THR A 438 -15.64 1.55 -1.16
N THR A 439 -16.11 1.60 0.08
CA THR A 439 -17.41 2.22 0.35
C THR A 439 -17.40 3.74 0.31
N LEU A 440 -16.21 4.32 0.20
CA LEU A 440 -16.07 5.78 0.18
C LEU A 440 -16.46 6.47 -1.11
N THR A 441 -17.03 7.67 -0.99
CA THR A 441 -17.39 8.45 -2.16
C THR A 441 -16.11 9.15 -2.55
N LYS A 442 -16.04 9.68 -3.77
CA LYS A 442 -14.84 10.36 -4.23
C LYS A 442 -14.52 11.58 -3.35
N GLU A 443 -15.56 12.27 -2.89
CA GLU A 443 -15.36 13.44 -2.04
C GLU A 443 -14.82 13.05 -0.67
N GLU A 444 -15.37 11.98 -0.08
CA GLU A 444 -14.91 11.52 1.24
C GLU A 444 -13.48 10.98 1.16
N ALA A 445 -13.23 10.16 0.14
CA ALA A 445 -11.92 9.55 -0.06
C ALA A 445 -10.77 10.55 -0.16
N GLN A 446 -10.95 11.60 -0.96
CA GLN A 446 -9.91 12.60 -1.12
C GLN A 446 -9.50 13.25 0.19
N LYS A 447 -10.48 13.55 1.02
CA LYS A 447 -10.20 14.17 2.31
C LYS A 447 -9.47 13.23 3.26
N LEU A 448 -9.92 11.99 3.33
CA LEU A 448 -9.31 11.00 4.22
C LEU A 448 -7.92 10.53 3.79
N TYR A 449 -7.74 10.27 2.50
CA TYR A 449 -6.45 9.81 2.00
C TYR A 449 -5.35 10.85 1.90
N TRP A 450 -5.72 12.10 1.60
CA TRP A 450 -4.72 13.14 1.43
C TRP A 450 -4.80 14.36 2.33
N ARG A 451 -5.78 14.36 3.23
CA ARG A 451 -5.97 15.43 4.20
C ARG A 451 -5.43 16.81 3.83
N GLY A 452 -4.37 17.24 4.53
CA GLY A 452 -3.79 18.56 4.30
C GLY A 452 -3.12 18.85 2.96
N ASN A 453 -2.84 17.82 2.18
CA ASN A 453 -2.20 18.03 0.88
C ASN A 453 -3.19 17.94 -0.27
N LEU A 454 -4.45 17.71 0.03
CA LEU A 454 -5.46 17.59 -1.02
C LEU A 454 -5.55 18.79 -1.97
N GLU A 455 -5.61 20.00 -1.42
CA GLU A 455 -5.70 21.18 -2.27
C GLU A 455 -4.56 21.30 -3.26
N LYS A 456 -3.33 21.09 -2.80
CA LYS A 456 -2.17 21.17 -3.69
C LYS A 456 -2.24 20.08 -4.76
N LEU A 457 -2.64 18.87 -4.34
CA LEU A 457 -2.74 17.75 -5.27
C LEU A 457 -3.81 17.98 -6.35
N GLN A 458 -4.94 18.58 -5.96
CA GLN A 458 -6.00 18.84 -6.93
C GLN A 458 -5.53 19.87 -7.97
N ALA A 459 -4.72 20.82 -7.53
CA ALA A 459 -4.19 21.85 -8.42
C ALA A 459 -3.19 21.24 -9.41
N ILE A 460 -2.38 20.31 -8.92
CA ILE A 460 -1.39 19.63 -9.75
C ILE A 460 -2.11 18.74 -10.75
N LYS A 461 -3.17 18.09 -10.27
CA LYS A 461 -3.98 17.20 -11.08
C LYS A 461 -4.62 17.99 -12.24
N ALA A 462 -5.10 19.19 -11.93
CA ALA A 462 -5.72 20.03 -12.94
C ALA A 462 -4.72 20.43 -14.01
N LYS A 463 -3.46 20.60 -13.61
CA LYS A 463 -2.41 20.97 -14.54
C LYS A 463 -2.00 19.85 -15.50
N TYR A 464 -1.80 18.65 -14.94
CA TYR A 464 -1.36 17.51 -15.73
C TYR A 464 -2.43 16.61 -16.33
N ASP A 465 -3.64 16.66 -15.80
CA ASP A 465 -4.72 15.84 -16.33
C ASP A 465 -6.07 16.53 -16.09
N PRO A 466 -6.26 17.70 -16.71
CA PRO A 466 -7.49 18.50 -16.58
C PRO A 466 -8.77 17.77 -16.99
N GLU A 467 -8.63 16.85 -17.95
CA GLU A 467 -9.77 16.09 -18.46
C GLU A 467 -10.03 14.83 -17.65
N ASP A 468 -9.16 14.58 -16.65
CA ASP A 468 -9.30 13.42 -15.78
C ASP A 468 -9.32 12.12 -16.57
N VAL A 469 -8.41 12.00 -17.53
CA VAL A 469 -8.30 10.80 -18.35
C VAL A 469 -7.84 9.60 -17.52
N PHE A 470 -6.99 9.86 -16.54
CA PHE A 470 -6.46 8.80 -15.69
C PHE A 470 -7.19 8.61 -14.36
N GLY A 471 -8.32 9.28 -14.17
CA GLY A 471 -9.01 9.15 -12.91
C GLY A 471 -9.66 7.81 -12.60
N ASN A 472 -9.81 7.52 -11.32
CA ASN A 472 -10.50 6.31 -10.88
C ASN A 472 -11.65 6.79 -9.98
N VAL A 473 -12.42 5.87 -9.41
CA VAL A 473 -13.57 6.26 -8.61
C VAL A 473 -13.36 7.03 -7.30
N VAL A 474 -12.11 7.12 -6.82
CA VAL A 474 -11.84 7.83 -5.57
C VAL A 474 -10.61 8.74 -5.66
N SER A 475 -10.03 8.86 -6.85
CA SER A 475 -8.81 9.65 -7.03
C SER A 475 -8.94 11.17 -6.96
N VAL A 476 -7.80 11.82 -6.73
CA VAL A 476 -7.73 13.28 -6.65
C VAL A 476 -8.40 13.89 -7.89
N GLU A 477 -9.33 14.81 -7.67
CA GLU A 477 -10.04 15.48 -8.76
C GLU A 477 -9.24 16.67 -9.27
N PRO A 478 -9.39 16.99 -10.56
CA PRO A 478 -8.65 18.12 -11.14
C PRO A 478 -9.37 19.43 -10.80
N ILE A 479 -8.76 20.23 -9.94
CA ILE A 479 -9.34 21.51 -9.55
C ILE A 479 -8.24 22.55 -9.46
N ALA A 480 -8.21 23.47 -10.42
CA ALA A 480 -7.20 24.53 -10.42
C ALA A 480 -7.27 25.33 -9.14
N TYR A 481 -6.14 25.87 -8.71
CA TYR A 481 -6.10 26.66 -7.49
C TYR A 481 -6.82 27.98 -7.71
C1 NAG B . 12.66 -14.64 -11.52
C2 NAG B . 14.12 -15.02 -11.73
C3 NAG B . 14.62 -14.42 -13.04
C4 NAG B . 13.69 -14.79 -14.21
C5 NAG B . 12.22 -14.52 -13.87
C6 NAG B . 11.27 -15.08 -14.91
C7 NAG B . 15.87 -15.31 -10.10
C8 NAG B . 17.27 -15.16 -10.65
N2 NAG B . 14.93 -14.53 -10.62
O3 NAG B . 15.93 -14.90 -13.30
O4 NAG B . 14.05 -14.01 -15.36
O5 NAG B . 11.87 -15.13 -12.60
O6 NAG B . 9.93 -14.76 -14.61
O7 NAG B . 15.64 -16.12 -9.21
C1 NAG B . 14.84 -14.62 -16.32
C2 NAG B . 14.45 -14.10 -17.71
C3 NAG B . 15.38 -14.64 -18.78
C4 NAG B . 16.85 -14.38 -18.41
C5 NAG B . 17.13 -14.87 -16.97
C6 NAG B . 18.53 -14.52 -16.50
C7 NAG B . 12.11 -13.58 -18.05
C8 NAG B . 10.83 -13.98 -18.76
N2 NAG B . 13.07 -14.50 -18.00
O3 NAG B . 15.09 -14.02 -20.02
O4 NAG B . 17.72 -15.04 -19.33
O5 NAG B . 16.20 -14.28 -16.04
O6 NAG B . 18.64 -14.69 -15.09
O7 NAG B . 12.22 -12.47 -17.54
C1 NAG B . 18.29 -14.26 -20.33
C2 NAG B . 19.68 -14.82 -20.68
C3 NAG B . 20.27 -14.08 -21.89
C4 NAG B . 19.28 -14.09 -23.05
C5 NAG B . 17.92 -13.53 -22.59
C6 NAG B . 16.88 -13.58 -23.69
C7 NAG B . 21.72 -15.35 -19.50
C8 NAG B . 21.70 -16.72 -18.84
N2 NAG B . 20.57 -14.68 -19.55
O3 NAG B . 21.48 -14.70 -22.29
O4 NAG B . 19.78 -13.29 -24.12
O5 NAG B . 17.43 -14.31 -21.48
O6 NAG B . 15.65 -14.12 -23.23
O7 NAG B . 22.78 -14.91 -19.96
C1 NAG C . -21.83 -3.96 19.72
C2 NAG C . -22.94 -3.15 19.05
C3 NAG C . -23.87 -2.55 20.12
C4 NAG C . -24.41 -3.68 21.01
C5 NAG C . -23.24 -4.47 21.60
C6 NAG C . -23.70 -5.65 22.43
C7 NAG C . -21.79 -1.03 18.83
C8 NAG C . -22.61 0.25 18.90
N2 NAG C . -22.35 -2.08 18.25
O3 NAG C . -24.95 -1.89 19.48
O4 NAG C . -25.19 -3.12 22.05
O5 NAG C . -22.40 -5.00 20.54
O6 NAG C . -22.60 -6.40 22.91
O7 NAG C . -20.66 -1.05 19.32
PA FAD D . -2.73 -1.89 -8.89
O1A FAD D . -4.09 -2.32 -8.46
O2A FAD D . -2.13 -2.47 -10.12
O5B FAD D . -2.67 -0.32 -9.02
C5B FAD D . -2.76 0.49 -7.88
C4B FAD D . -2.88 1.96 -8.18
O4B FAD D . -1.74 2.80 -8.51
C3B FAD D . -3.89 2.52 -9.20
O3B FAD D . -4.35 3.82 -8.95
C2B FAD D . -2.97 2.34 -10.46
O2B FAD D . -3.36 3.00 -11.65
C1B FAD D . -1.60 2.80 -9.94
N9A FAD D . -0.37 2.27 -10.52
C8A FAD D . 0.26 1.07 -10.40
N7A FAD D . 1.38 1.00 -11.14
C5A FAD D . 1.46 2.24 -11.76
C6A FAD D . 2.42 2.84 -12.68
N6A FAD D . 3.50 2.18 -13.10
N1A FAD D . 2.19 4.12 -13.12
C2A FAD D . 1.08 4.78 -12.67
N3A FAD D . 0.14 4.34 -11.81
C4A FAD D . 0.41 3.01 -11.39
N1 FAD D . 0.76 -1.88 1.04
C2 FAD D . 1.71 -1.41 1.89
O2 FAD D . 1.98 -0.18 2.00
N3 FAD D . 2.43 -2.33 2.68
C4 FAD D . 2.23 -3.73 2.65
O4 FAD D . 2.94 -4.48 3.35
C4X FAD D . 1.23 -4.19 1.76
N5 FAD D . 1.01 -5.58 1.62
C5X FAD D . 0.07 -6.01 0.66
C6 FAD D . -0.11 -7.41 0.49
C7 FAD D . -1.01 -7.91 -0.42
C7M FAD D . -1.11 -9.43 -0.54
C8 FAD D . -1.80 -7.05 -1.21
C8M FAD D . -2.79 -7.58 -2.23
C9 FAD D . -1.65 -5.61 -1.05
C9A FAD D . -0.73 -5.08 -0.12
N10 FAD D . -0.47 -3.63 0.07
C10 FAD D . 0.51 -3.25 0.98
C1' FAD D . -1.40 -2.58 -0.36
C2' FAD D . -1.53 -2.13 -1.83
O2' FAD D . -2.07 -3.22 -2.59
C3' FAD D . -0.16 -1.65 -2.35
O3' FAD D . 0.50 -0.79 -1.43
C4' FAD D . -0.25 -1.01 -3.77
O4' FAD D . -1.17 0.07 -3.79
C5' FAD D . -0.60 -2.02 -4.84
O5' FAD D . 0.11 -1.72 -6.03
P FAD D . -0.22 -2.48 -7.38
O1P FAD D . 0.67 -1.92 -8.40
O2P FAD D . -0.15 -3.95 -7.11
O3P FAD D . -1.74 -2.06 -7.66
ZN ZN E . -16.41 -6.53 -21.60
#